data_5Q0R
#
_entry.id   5Q0R
#
_cell.length_a   94.030
_cell.length_b   94.030
_cell.length_c   47.360
_cell.angle_alpha   90.000
_cell.angle_beta   90.000
_cell.angle_gamma   120.000
#
_symmetry.space_group_name_H-M   'P 65'
#
loop_
_entity.id
_entity.type
_entity.pdbx_description
1 polymer 'Bile acid receptor'
2 polymer 'COACTIVATOR PEPTIDE SRC-1 HD3'
3 non-polymer N,1-dibenzyl-6-[(2-fluorophenyl)sulfonyl]-4,5,6,7-tetrahydro-1H-pyrrolo[2,3-c]pyridine-2-carboxamide
4 water water
#
loop_
_entity_poly.entity_id
_entity_poly.type
_entity_poly.pdbx_seq_one_letter_code
_entity_poly.pdbx_strand_id
1 'polypeptide(L)'
;GSHMELTPDQQTLLHFIMDSYNKQRMPQEITNKILKEAFSAEENFLILTEMATNHVQVLVEFTKKLPGFQTLDHEDQIAL
LKGSAVEAMFLRSAEIFNKKLPSGHSDLLEARIRNSGISDEYITPMFSFYKSIGELKMTQEEYALLTAIVILSPDRQYIK
DREAVEKLQEPLLDVLQKLCKIHQPENPQHFACLLGRLTELRTFNHHHAEMLMSWRVNDHKFTPLLCEIWDVQ
;
A
2 'polypeptide(L)' KDHQLLRYLLDKDE B
#
# COMPACT_ATOMS: atom_id res chain seq x y z
N MET A 4 -7.80 -7.31 28.52
CA MET A 4 -6.81 -8.04 27.70
C MET A 4 -5.78 -7.10 27.06
N GLU A 5 -4.55 -7.62 26.87
CA GLU A 5 -3.47 -6.84 26.27
C GLU A 5 -2.57 -7.68 25.37
N LEU A 6 -1.76 -7.01 24.57
CA LEU A 6 -0.79 -7.67 23.71
C LEU A 6 0.31 -8.25 24.60
N THR A 7 0.81 -9.45 24.24
CA THR A 7 1.93 -10.06 24.96
C THR A 7 3.20 -9.25 24.63
N PRO A 8 4.29 -9.33 25.45
CA PRO A 8 5.53 -8.60 25.09
C PRO A 8 6.04 -8.91 23.68
N ASP A 9 5.91 -10.17 23.24
CA ASP A 9 6.30 -10.64 21.90
C ASP A 9 5.46 -9.92 20.80
N GLN A 10 4.15 -9.77 21.03
CA GLN A 10 3.24 -9.06 20.12
C GLN A 10 3.52 -7.55 20.13
N GLN A 11 3.85 -6.99 21.31
CA GLN A 11 4.18 -5.56 21.46
C GLN A 11 5.43 -5.22 20.66
N THR A 12 6.43 -6.12 20.69
CA THR A 12 7.71 -6.00 19.97
C THR A 12 7.46 -6.03 18.46
N LEU A 13 6.70 -7.04 17.98
CA LEU A 13 6.34 -7.19 16.57
C LEU A 13 5.60 -5.91 16.12
N LEU A 14 4.63 -5.43 16.91
CA LEU A 14 3.91 -4.22 16.56
C LEU A 14 4.84 -3.02 16.46
N HIS A 15 5.74 -2.83 17.45
CA HIS A 15 6.68 -1.71 17.47
C HIS A 15 7.59 -1.67 16.26
N PHE A 16 8.10 -2.84 15.81
CA PHE A 16 8.97 -2.94 14.64
C PHE A 16 8.24 -2.51 13.39
N ILE A 17 6.97 -2.90 13.25
CA ILE A 17 6.10 -2.53 12.12
C ILE A 17 5.83 -1.01 12.15
N MET A 18 5.37 -0.50 13.31
CA MET A 18 5.04 0.92 13.50
C MET A 18 6.20 1.88 13.24
N ASP A 19 7.41 1.51 13.70
CA ASP A 19 8.62 2.32 13.53
C ASP A 19 9.00 2.45 12.05
N SER A 20 8.93 1.34 11.33
CA SER A 20 9.22 1.24 9.90
C SER A 20 8.11 1.94 9.08
N TYR A 21 6.86 1.93 9.56
CA TYR A 21 5.74 2.57 8.84
C TYR A 21 5.79 4.10 8.91
N ASN A 22 6.05 4.64 10.11
CA ASN A 22 6.14 6.07 10.40
C ASN A 22 7.37 6.78 9.77
N LYS A 23 8.33 6.02 9.18
CA LYS A 23 9.52 6.59 8.53
C LYS A 23 9.16 7.33 7.24
N GLN A 24 8.03 6.93 6.61
CA GLN A 24 7.50 7.50 5.37
C GLN A 24 7.16 8.98 5.50
N ARG A 25 7.32 9.73 4.40
CA ARG A 25 7.04 11.17 4.28
C ARG A 25 6.93 11.51 2.80
N MET A 26 5.94 12.35 2.43
CA MET A 26 5.76 12.77 1.03
C MET A 26 6.81 13.84 0.67
N PRO A 27 7.68 13.57 -0.32
CA PRO A 27 8.73 14.55 -0.68
C PRO A 27 8.15 15.93 -1.02
N GLN A 28 8.80 16.99 -0.51
CA GLN A 28 8.41 18.40 -0.68
C GLN A 28 8.31 18.78 -2.16
N GLU A 29 9.20 18.20 -2.99
CA GLU A 29 9.30 18.40 -4.43
C GLU A 29 7.98 18.03 -5.13
N ILE A 30 7.41 16.86 -4.77
CA ILE A 30 6.15 16.33 -5.29
C ILE A 30 4.99 17.22 -4.83
N THR A 31 4.97 17.61 -3.54
CA THR A 31 3.92 18.48 -2.99
C THR A 31 3.93 19.86 -3.66
N ASN A 32 5.13 20.39 -3.98
CA ASN A 32 5.26 21.66 -4.69
C ASN A 32 4.70 21.55 -6.11
N LYS A 33 4.87 20.39 -6.77
CA LYS A 33 4.35 20.13 -8.11
C LYS A 33 2.81 20.13 -8.08
N ILE A 34 2.20 19.50 -7.05
CA ILE A 34 0.75 19.47 -6.83
C ILE A 34 0.24 20.90 -6.75
N LEU A 35 0.98 21.78 -6.05
CA LEU A 35 0.60 23.18 -5.95
C LEU A 35 0.84 23.98 -7.23
N LYS A 36 2.06 23.91 -7.82
CA LYS A 36 2.51 24.74 -8.95
C LYS A 36 2.25 24.26 -10.39
N GLU A 37 2.47 22.99 -10.75
CA GLU A 37 2.37 22.52 -12.15
C GLU A 37 1.06 22.89 -12.87
N ALA A 38 1.12 23.18 -14.18
CA ALA A 38 -0.07 23.55 -14.96
C ALA A 38 -1.14 22.44 -14.95
N PHE A 39 -2.42 22.83 -15.01
CA PHE A 39 -3.56 21.92 -15.00
C PHE A 39 -3.83 21.38 -16.40
N SER A 40 -3.08 20.37 -16.79
CA SER A 40 -3.21 19.68 -18.08
C SER A 40 -3.18 18.18 -17.78
N ALA A 41 -3.75 17.35 -18.68
CA ALA A 41 -3.78 15.89 -18.54
C ALA A 41 -2.36 15.30 -18.46
N GLU A 42 -1.41 15.85 -19.25
CA GLU A 42 0.00 15.44 -19.30
C GLU A 42 0.72 15.75 -17.99
N GLU A 43 0.62 17.00 -17.47
CA GLU A 43 1.26 17.39 -16.21
C GLU A 43 0.64 16.66 -15.02
N ASN A 44 -0.69 16.39 -15.04
CA ASN A 44 -1.38 15.68 -13.98
C ASN A 44 -0.96 14.22 -13.92
N PHE A 45 -0.84 13.55 -15.09
CA PHE A 45 -0.41 12.15 -15.24
C PHE A 45 1.02 11.97 -14.72
N LEU A 46 1.93 12.92 -15.03
CA LEU A 46 3.31 12.90 -14.59
C LEU A 46 3.44 13.02 -13.08
N ILE A 47 2.56 13.82 -12.43
CA ILE A 47 2.54 13.98 -10.97
C ILE A 47 2.18 12.64 -10.31
N LEU A 48 1.19 11.91 -10.85
CA LEU A 48 0.78 10.60 -10.34
C LEU A 48 1.90 9.57 -10.49
N THR A 49 2.62 9.63 -11.61
CA THR A 49 3.78 8.79 -11.95
C THR A 49 4.89 8.99 -10.91
N GLU A 50 5.24 10.25 -10.61
CA GLU A 50 6.24 10.59 -9.61
C GLU A 50 5.81 10.07 -8.21
N MET A 51 4.49 10.17 -7.90
CA MET A 51 3.94 9.68 -6.62
C MET A 51 4.03 8.15 -6.50
N ALA A 52 3.66 7.43 -7.56
CA ALA A 52 3.71 5.98 -7.58
C ALA A 52 5.16 5.45 -7.52
N THR A 53 6.11 6.16 -8.15
CA THR A 53 7.54 5.81 -8.16
C THR A 53 8.11 6.00 -6.75
N ASN A 54 7.75 7.10 -6.07
CA ASN A 54 8.19 7.36 -4.70
C ASN A 54 7.67 6.27 -3.78
N HIS A 55 6.38 5.90 -3.93
CA HIS A 55 5.78 4.86 -3.11
C HIS A 55 6.47 3.49 -3.24
N VAL A 56 6.84 3.07 -4.46
CA VAL A 56 7.51 1.77 -4.62
C VAL A 56 8.83 1.74 -3.81
N GLN A 57 9.60 2.84 -3.82
CA GLN A 57 10.84 2.96 -3.06
C GLN A 57 10.57 2.85 -1.54
N VAL A 58 9.54 3.58 -1.08
CA VAL A 58 9.09 3.61 0.31
C VAL A 58 8.60 2.19 0.73
N LEU A 59 7.86 1.52 -0.17
CA LEU A 59 7.33 0.17 0.00
C LEU A 59 8.48 -0.85 0.17
N VAL A 60 9.52 -0.77 -0.67
CA VAL A 60 10.67 -1.69 -0.57
C VAL A 60 11.37 -1.54 0.80
N GLU A 61 11.62 -0.30 1.24
CA GLU A 61 12.26 0.00 2.52
C GLU A 61 11.46 -0.51 3.72
N PHE A 62 10.14 -0.32 3.67
CA PHE A 62 9.22 -0.80 4.71
C PHE A 62 9.24 -2.32 4.76
N THR A 63 9.14 -2.98 3.59
CA THR A 63 9.11 -4.45 3.45
C THR A 63 10.35 -5.12 4.02
N LYS A 64 11.56 -4.60 3.70
CA LYS A 64 12.86 -5.10 4.15
C LYS A 64 12.96 -5.20 5.66
N LYS A 65 12.33 -4.24 6.35
CA LYS A 65 12.27 -4.12 7.81
C LYS A 65 11.20 -5.00 8.45
N LEU A 66 10.30 -5.61 7.65
CA LEU A 66 9.26 -6.48 8.20
C LEU A 66 9.88 -7.70 8.89
N PRO A 67 9.53 -7.95 10.18
CA PRO A 67 10.10 -9.10 10.91
C PRO A 67 10.03 -10.43 10.13
N GLY A 68 11.20 -10.99 9.85
CA GLY A 68 11.34 -12.27 9.15
C GLY A 68 11.36 -12.20 7.64
N PHE A 69 11.01 -11.05 7.04
CA PHE A 69 11.01 -10.91 5.58
C PHE A 69 12.37 -11.26 4.96
N GLN A 70 13.46 -10.79 5.59
CA GLN A 70 14.85 -11.03 5.15
C GLN A 70 15.23 -12.51 5.26
N THR A 71 14.56 -13.27 6.13
CA THR A 71 14.85 -14.70 6.34
C THR A 71 14.20 -15.58 5.25
N LEU A 72 13.35 -14.98 4.39
CA LEU A 72 12.73 -15.72 3.28
C LEU A 72 13.73 -15.87 2.11
N ASP A 73 13.46 -16.87 1.26
CA ASP A 73 14.19 -17.14 0.02
C ASP A 73 14.14 -15.84 -0.83
N HIS A 74 15.29 -15.46 -1.46
CA HIS A 74 15.39 -14.23 -2.25
C HIS A 74 14.34 -14.11 -3.36
N GLU A 75 14.05 -15.21 -4.10
CA GLU A 75 13.04 -15.22 -5.16
C GLU A 75 11.64 -14.96 -4.55
N ASP A 76 11.36 -15.52 -3.35
CA ASP A 76 10.08 -15.30 -2.66
C ASP A 76 9.93 -13.85 -2.23
N GLN A 77 11.04 -13.21 -1.81
CA GLN A 77 11.03 -11.79 -1.41
C GLN A 77 10.57 -10.90 -2.57
N ILE A 78 11.08 -11.16 -3.80
CA ILE A 78 10.73 -10.44 -5.03
C ILE A 78 9.28 -10.71 -5.45
N ALA A 79 8.84 -11.98 -5.43
CA ALA A 79 7.47 -12.36 -5.79
C ALA A 79 6.42 -11.69 -4.85
N LEU A 80 6.78 -11.48 -3.56
CA LEU A 80 5.88 -10.80 -2.61
C LEU A 80 5.79 -9.32 -2.94
N LEU A 81 6.94 -8.68 -3.20
CA LEU A 81 6.99 -7.26 -3.57
C LEU A 81 6.18 -6.99 -4.82
N LYS A 82 6.38 -7.83 -5.85
CA LYS A 82 5.66 -7.73 -7.12
C LYS A 82 4.17 -7.88 -6.99
N GLY A 83 3.73 -8.91 -6.28
CA GLY A 83 2.31 -9.20 -6.06
C GLY A 83 1.56 -8.24 -5.17
N SER A 84 2.26 -7.48 -4.30
CA SER A 84 1.62 -6.56 -3.36
C SER A 84 1.67 -5.11 -3.79
N ALA A 85 2.59 -4.77 -4.71
CA ALA A 85 2.83 -3.41 -5.20
C ALA A 85 1.55 -2.58 -5.46
N VAL A 86 0.60 -3.10 -6.25
CA VAL A 86 -0.64 -2.40 -6.62
C VAL A 86 -1.56 -2.22 -5.39
N GLU A 87 -1.82 -3.31 -4.64
CA GLU A 87 -2.65 -3.26 -3.42
C GLU A 87 -2.07 -2.28 -2.36
N ALA A 88 -0.76 -2.31 -2.12
CA ALA A 88 -0.10 -1.43 -1.13
C ALA A 88 -0.27 0.04 -1.57
N MET A 89 -0.19 0.30 -2.89
CA MET A 89 -0.35 1.64 -3.46
CA MET A 89 -0.35 1.64 -3.49
C MET A 89 -1.74 2.20 -3.15
N PHE A 90 -2.81 1.43 -3.47
CA PHE A 90 -4.18 1.85 -3.21
C PHE A 90 -4.47 2.02 -1.72
N LEU A 91 -3.87 1.17 -0.87
CA LEU A 91 -4.05 1.29 0.58
C LEU A 91 -3.39 2.58 1.09
N ARG A 92 -2.16 2.84 0.64
CA ARG A 92 -1.44 4.06 1.02
C ARG A 92 -2.18 5.31 0.50
N SER A 93 -2.69 5.24 -0.75
CA SER A 93 -3.43 6.37 -1.33
CA SER A 93 -3.47 6.32 -1.39
C SER A 93 -4.72 6.65 -0.56
N ALA A 94 -5.38 5.60 -0.02
CA ALA A 94 -6.58 5.74 0.80
C ALA A 94 -6.25 6.46 2.11
N GLU A 95 -5.10 6.13 2.73
CA GLU A 95 -4.65 6.73 3.99
C GLU A 95 -4.43 8.23 3.83
N ILE A 96 -3.65 8.64 2.80
CA ILE A 96 -3.31 10.02 2.45
CA ILE A 96 -3.33 10.04 2.58
C ILE A 96 -4.59 10.84 2.23
N PHE A 97 -5.55 10.25 1.51
CA PHE A 97 -6.83 10.91 1.18
C PHE A 97 -7.63 11.22 2.46
N ASN A 98 -7.72 10.25 3.37
CA ASN A 98 -8.45 10.36 4.63
C ASN A 98 -7.66 11.04 5.76
N LYS A 99 -6.37 11.32 5.55
CA LYS A 99 -5.50 11.95 6.55
C LYS A 99 -4.58 13.04 5.97
N LYS A 100 -3.27 12.69 5.88
CA LYS A 100 -2.06 13.41 5.46
C LYS A 100 -2.25 14.79 4.79
N LEU A 101 -2.67 14.81 3.51
CA LEU A 101 -2.78 16.04 2.72
C LEU A 101 -3.81 17.06 3.24
N PRO A 102 -3.42 18.37 3.27
CA PRO A 102 -4.32 19.44 3.75
C PRO A 102 -5.66 19.53 3.01
N SER A 103 -6.67 20.19 3.63
CA SER A 103 -8.02 20.37 3.08
C SER A 103 -8.03 20.94 1.64
N GLY A 104 -7.35 22.08 1.44
CA GLY A 104 -7.23 22.74 0.15
C GLY A 104 -6.27 22.09 -0.81
N HIS A 105 -5.17 21.49 -0.27
CA HIS A 105 -4.15 20.82 -1.07
C HIS A 105 -4.64 19.48 -1.63
N SER A 106 -5.43 18.72 -0.84
CA SER A 106 -6.04 17.45 -1.26
C SER A 106 -7.10 17.72 -2.32
N ASP A 107 -7.79 18.88 -2.24
CA ASP A 107 -8.79 19.27 -3.23
C ASP A 107 -8.12 19.48 -4.59
N LEU A 108 -6.88 20.04 -4.59
CA LEU A 108 -6.09 20.26 -5.80
C LEU A 108 -5.62 18.91 -6.38
N LEU A 109 -5.17 17.97 -5.53
CA LEU A 109 -4.74 16.66 -5.99
C LEU A 109 -5.92 15.85 -6.58
N GLU A 110 -7.11 15.94 -5.94
CA GLU A 110 -8.32 15.29 -6.44
C GLU A 110 -8.66 15.83 -7.83
N ALA A 111 -8.57 17.17 -8.01
CA ALA A 111 -8.79 17.84 -9.29
C ALA A 111 -7.85 17.29 -10.36
N ARG A 112 -6.56 17.09 -10.01
CA ARG A 112 -5.54 16.53 -10.89
C ARG A 112 -5.82 15.08 -11.27
N ILE A 113 -6.22 14.24 -10.30
CA ILE A 113 -6.55 12.82 -10.54
C ILE A 113 -7.75 12.71 -11.48
N ARG A 114 -8.78 13.55 -11.26
CA ARG A 114 -9.99 13.54 -12.09
C ARG A 114 -9.78 14.17 -13.49
N ASN A 115 -8.56 14.67 -13.77
CA ASN A 115 -8.16 15.29 -15.05
C ASN A 115 -6.74 14.81 -15.43
N SER A 116 -6.50 13.49 -15.36
CA SER A 116 -5.20 12.88 -15.66
C SER A 116 -5.25 11.87 -16.82
N GLY A 117 -6.42 11.72 -17.42
CA GLY A 117 -6.63 10.79 -18.53
C GLY A 117 -7.08 9.41 -18.09
N ILE A 118 -7.32 9.24 -16.77
CA ILE A 118 -7.82 7.99 -16.19
C ILE A 118 -9.33 7.96 -16.44
N SER A 119 -9.85 6.84 -16.97
CA SER A 119 -11.27 6.66 -17.22
C SER A 119 -12.08 6.66 -15.92
N ASP A 120 -13.36 7.08 -15.98
CA ASP A 120 -14.26 7.10 -14.82
C ASP A 120 -14.56 5.69 -14.33
N GLU A 121 -14.37 4.67 -15.19
CA GLU A 121 -14.53 3.24 -14.91
C GLU A 121 -13.54 2.81 -13.82
N TYR A 122 -12.45 3.57 -13.66
CA TYR A 122 -11.41 3.31 -12.66
C TYR A 122 -11.38 4.35 -11.54
N ILE A 123 -11.82 5.60 -11.81
CA ILE A 123 -11.86 6.68 -10.81
C ILE A 123 -12.97 6.44 -9.77
N THR A 124 -14.16 6.00 -10.24
CA THR A 124 -15.35 5.75 -9.41
C THR A 124 -15.12 4.64 -8.33
N PRO A 125 -14.58 3.41 -8.61
CA PRO A 125 -14.35 2.44 -7.51
C PRO A 125 -13.22 2.84 -6.56
N MET A 126 -12.24 3.64 -7.07
CA MET A 126 -11.10 4.18 -6.34
C MET A 126 -11.57 5.13 -5.23
N PHE A 127 -12.34 6.19 -5.58
CA PHE A 127 -12.84 7.14 -4.59
C PHE A 127 -13.89 6.53 -3.66
N SER A 128 -14.61 5.49 -4.12
CA SER A 128 -15.55 4.74 -3.30
C SER A 128 -14.76 3.96 -2.24
N PHE A 129 -13.64 3.34 -2.64
CA PHE A 129 -12.76 2.64 -1.70
C PHE A 129 -12.20 3.60 -0.65
N TYR A 130 -11.80 4.82 -1.08
CA TYR A 130 -11.27 5.86 -0.17
C TYR A 130 -12.30 6.20 0.91
N LYS A 131 -13.57 6.35 0.50
CA LYS A 131 -14.66 6.68 1.42
C LYS A 131 -14.94 5.53 2.39
N SER A 132 -15.00 4.27 1.90
CA SER A 132 -15.24 3.10 2.76
C SER A 132 -14.12 2.91 3.81
N ILE A 133 -12.87 3.22 3.44
CA ILE A 133 -11.71 3.18 4.34
C ILE A 133 -11.87 4.28 5.39
N GLY A 134 -12.26 5.48 4.94
CA GLY A 134 -12.51 6.64 5.80
C GLY A 134 -13.52 6.36 6.88
N GLU A 135 -14.60 5.60 6.54
CA GLU A 135 -15.66 5.20 7.44
C GLU A 135 -15.18 4.34 8.62
N LEU A 136 -14.11 3.56 8.43
CA LEU A 136 -13.59 2.72 9.50
C LEU A 136 -12.77 3.52 10.51
N LYS A 137 -12.39 4.77 10.17
CA LYS A 137 -11.55 5.65 10.99
C LYS A 137 -10.36 4.84 11.53
N MET A 138 -9.59 4.27 10.59
CA MET A 138 -8.47 3.40 10.91
C MET A 138 -7.39 4.13 11.66
N THR A 139 -6.81 3.47 12.67
CA THR A 139 -5.68 4.02 13.40
C THR A 139 -4.43 3.79 12.54
N GLN A 140 -3.33 4.49 12.88
CA GLN A 140 -2.05 4.34 12.20
C GLN A 140 -1.55 2.85 12.32
N GLU A 141 -1.77 2.20 13.51
CA GLU A 141 -1.43 0.78 13.77
C GLU A 141 -2.17 -0.12 12.80
N GLU A 142 -3.46 0.17 12.53
CA GLU A 142 -4.26 -0.61 11.60
C GLU A 142 -3.76 -0.47 10.18
N TYR A 143 -3.42 0.77 9.76
CA TYR A 143 -2.85 0.99 8.40
C TYR A 143 -1.52 0.22 8.22
N ALA A 144 -0.65 0.28 9.25
CA ALA A 144 0.64 -0.38 9.20
C ALA A 144 0.49 -1.90 9.14
N LEU A 145 -0.34 -2.48 10.04
CA LEU A 145 -0.56 -3.93 10.07
C LEU A 145 -1.24 -4.43 8.81
N LEU A 146 -2.23 -3.70 8.29
CA LEU A 146 -2.94 -4.10 7.06
C LEU A 146 -1.96 -4.12 5.89
N THR A 147 -1.07 -3.10 5.80
CA THR A 147 -0.05 -3.07 4.75
C THR A 147 0.88 -4.30 4.87
N ALA A 148 1.35 -4.63 6.09
CA ALA A 148 2.21 -5.80 6.32
C ALA A 148 1.46 -7.09 5.96
N ILE A 149 0.15 -7.19 6.28
CA ILE A 149 -0.68 -8.39 5.93
C ILE A 149 -0.79 -8.53 4.39
N VAL A 150 -1.01 -7.40 3.67
CA VAL A 150 -1.07 -7.35 2.19
C VAL A 150 0.25 -7.84 1.59
N ILE A 151 1.38 -7.31 2.09
CA ILE A 151 2.72 -7.68 1.59
C ILE A 151 3.02 -9.15 1.84
N LEU A 152 2.80 -9.62 3.07
CA LEU A 152 3.08 -11.01 3.44
C LEU A 152 1.91 -11.94 3.12
N SER A 153 1.42 -11.90 1.87
CA SER A 153 0.32 -12.74 1.42
CA SER A 153 0.31 -12.73 1.41
C SER A 153 0.86 -14.05 0.88
N PRO A 154 0.58 -15.20 1.57
CA PRO A 154 1.12 -16.47 1.08
C PRO A 154 0.48 -17.00 -0.21
N ASP A 155 -0.63 -16.42 -0.66
CA ASP A 155 -1.28 -16.92 -1.87
C ASP A 155 -1.00 -16.05 -3.13
N ARG A 156 0.20 -15.44 -3.20
CA ARG A 156 0.60 -14.69 -4.39
C ARG A 156 1.19 -15.70 -5.36
N GLN A 157 1.22 -15.37 -6.63
CA GLN A 157 1.79 -16.24 -7.64
C GLN A 157 3.32 -16.28 -7.49
N TYR A 158 3.92 -17.44 -7.85
CA TYR A 158 5.36 -17.75 -7.94
C TYR A 158 6.16 -17.77 -6.59
N ILE A 159 5.51 -18.05 -5.43
CA ILE A 159 6.22 -18.21 -4.16
C ILE A 159 6.62 -19.69 -4.04
N LYS A 160 7.90 -19.97 -3.72
CA LYS A 160 8.43 -21.35 -3.60
C LYS A 160 8.10 -22.03 -2.26
N ASP A 161 8.22 -21.31 -1.13
CA ASP A 161 7.91 -21.81 0.21
C ASP A 161 6.81 -20.94 0.85
N ARG A 162 5.54 -21.30 0.54
CA ARG A 162 4.33 -20.62 1.01
CA ARG A 162 4.30 -20.64 0.99
C ARG A 162 4.12 -20.70 2.51
N GLU A 163 4.49 -21.84 3.14
CA GLU A 163 4.37 -22.09 4.58
C GLU A 163 5.25 -21.09 5.35
N ALA A 164 6.45 -20.78 4.82
CA ALA A 164 7.37 -19.80 5.42
C ALA A 164 6.70 -18.41 5.48
N VAL A 165 5.92 -18.04 4.44
CA VAL A 165 5.21 -16.76 4.37
C VAL A 165 4.02 -16.77 5.34
N GLU A 166 3.30 -17.91 5.44
CA GLU A 166 2.18 -18.11 6.38
C GLU A 166 2.64 -17.89 7.81
N LYS A 167 3.83 -18.44 8.16
CA LYS A 167 4.42 -18.31 9.49
C LYS A 167 4.66 -16.85 9.85
N LEU A 168 4.90 -15.98 8.84
CA LEU A 168 5.12 -14.56 9.07
C LEU A 168 3.78 -13.76 9.13
N GLN A 169 2.79 -14.13 8.31
CA GLN A 169 1.52 -13.41 8.25
C GLN A 169 0.57 -13.71 9.41
N GLU A 170 0.47 -14.99 9.83
CA GLU A 170 -0.43 -15.41 10.93
C GLU A 170 -0.25 -14.54 12.22
N PRO A 171 1.00 -14.27 12.72
CA PRO A 171 1.16 -13.42 13.92
C PRO A 171 0.63 -12.00 13.74
N LEU A 172 0.75 -11.42 12.52
CA LEU A 172 0.25 -10.08 12.20
C LEU A 172 -1.28 -10.04 12.27
N LEU A 173 -1.94 -11.09 11.75
CA LEU A 173 -3.40 -11.18 11.80
C LEU A 173 -3.84 -11.35 13.27
N ASP A 174 -3.04 -12.09 14.08
CA ASP A 174 -3.36 -12.32 15.50
C ASP A 174 -3.29 -10.99 16.24
N VAL A 175 -2.20 -10.22 16.02
CA VAL A 175 -2.04 -8.90 16.62
C VAL A 175 -3.19 -7.97 16.21
N LEU A 176 -3.51 -7.90 14.89
CA LEU A 176 -4.57 -7.02 14.40
C LEU A 176 -5.91 -7.36 15.04
N GLN A 177 -6.28 -8.66 15.13
CA GLN A 177 -7.55 -9.06 15.73
C GLN A 177 -7.57 -8.68 17.23
N LYS A 178 -6.44 -8.87 17.93
CA LYS A 178 -6.31 -8.49 19.34
C LYS A 178 -6.46 -6.98 19.54
N LEU A 179 -5.87 -6.15 18.66
CA LEU A 179 -5.98 -4.69 18.72
C LEU A 179 -7.43 -4.22 18.52
N CYS A 180 -8.20 -4.95 17.70
CA CYS A 180 -9.61 -4.67 17.47
C CYS A 180 -10.41 -4.93 18.77
N LYS A 181 -10.14 -6.06 19.44
CA LYS A 181 -10.81 -6.47 20.69
C LYS A 181 -10.48 -5.52 21.86
N ILE A 182 -9.24 -4.99 21.90
CA ILE A 182 -8.77 -4.07 22.94
C ILE A 182 -9.36 -2.66 22.78
N HIS A 183 -9.16 -2.05 21.59
CA HIS A 183 -9.54 -0.66 21.29
C HIS A 183 -10.98 -0.44 20.88
N GLN A 184 -11.67 -1.48 20.39
CA GLN A 184 -13.09 -1.39 20.03
C GLN A 184 -13.84 -2.62 20.60
N PRO A 185 -13.86 -2.85 21.94
CA PRO A 185 -14.56 -4.04 22.48
C PRO A 185 -16.08 -4.04 22.27
N GLU A 186 -16.67 -2.85 22.04
CA GLU A 186 -18.11 -2.66 21.82
C GLU A 186 -18.53 -2.93 20.36
N ASN A 187 -17.55 -3.03 19.44
CA ASN A 187 -17.81 -3.29 18.02
C ASN A 187 -17.12 -4.61 17.62
N PRO A 188 -17.73 -5.79 17.96
CA PRO A 188 -17.07 -7.07 17.65
C PRO A 188 -16.88 -7.39 16.17
N GLN A 189 -17.55 -6.64 15.29
CA GLN A 189 -17.40 -6.83 13.85
C GLN A 189 -16.28 -5.96 13.25
N HIS A 190 -15.50 -5.22 14.09
CA HIS A 190 -14.43 -4.34 13.59
C HIS A 190 -13.38 -5.09 12.77
N PHE A 191 -12.92 -6.25 13.23
CA PHE A 191 -11.92 -7.04 12.50
C PHE A 191 -12.46 -7.52 11.14
N ALA A 192 -13.75 -7.97 11.10
CA ALA A 192 -14.47 -8.41 9.90
C ALA A 192 -14.52 -7.29 8.85
N CYS A 193 -14.74 -6.03 9.30
CA CYS A 193 -14.78 -4.85 8.44
C CYS A 193 -13.39 -4.55 7.85
N LEU A 194 -12.33 -4.81 8.63
CA LEU A 194 -10.96 -4.64 8.17
C LEU A 194 -10.65 -5.68 7.09
N LEU A 195 -11.14 -6.92 7.28
CA LEU A 195 -11.00 -8.00 6.28
C LEU A 195 -11.76 -7.63 4.99
N GLY A 196 -12.87 -6.91 5.15
CA GLY A 196 -13.69 -6.41 4.07
C GLY A 196 -12.95 -5.44 3.17
N ARG A 197 -12.03 -4.64 3.74
CA ARG A 197 -11.23 -3.71 2.96
C ARG A 197 -10.11 -4.44 2.24
N LEU A 198 -9.65 -5.58 2.79
CA LEU A 198 -8.61 -6.43 2.22
C LEU A 198 -9.09 -7.10 0.91
N THR A 199 -10.35 -7.57 0.91
CA THR A 199 -10.94 -8.21 -0.27
C THR A 199 -11.26 -7.14 -1.32
N GLU A 200 -11.77 -5.98 -0.88
CA GLU A 200 -12.05 -4.82 -1.74
C GLU A 200 -10.73 -4.35 -2.42
N LEU A 201 -9.59 -4.45 -1.70
CA LEU A 201 -8.25 -4.10 -2.20
C LEU A 201 -7.82 -5.02 -3.34
N ARG A 202 -8.11 -6.32 -3.21
CA ARG A 202 -7.80 -7.35 -4.21
C ARG A 202 -8.41 -7.07 -5.58
N THR A 203 -9.60 -6.43 -5.63
CA THR A 203 -10.27 -6.09 -6.89
C THR A 203 -9.47 -5.06 -7.72
N PHE A 204 -8.66 -4.20 -7.05
CA PHE A 204 -7.86 -3.19 -7.73
C PHE A 204 -6.75 -3.80 -8.59
N ASN A 205 -6.45 -5.09 -8.40
CA ASN A 205 -5.45 -5.80 -9.22
C ASN A 205 -5.95 -5.88 -10.64
N HIS A 206 -7.24 -6.25 -10.82
CA HIS A 206 -7.90 -6.34 -12.12
C HIS A 206 -8.20 -4.94 -12.66
N HIS A 207 -8.71 -4.01 -11.82
CA HIS A 207 -8.98 -2.63 -12.23
C HIS A 207 -7.70 -1.96 -12.78
N HIS A 208 -6.56 -2.10 -12.08
CA HIS A 208 -5.26 -1.53 -12.49
C HIS A 208 -4.70 -2.18 -13.77
N ALA A 209 -4.73 -3.53 -13.86
CA ALA A 209 -4.22 -4.28 -15.03
C ALA A 209 -4.97 -3.94 -16.31
N GLU A 210 -6.28 -3.67 -16.18
CA GLU A 210 -7.15 -3.26 -17.27
C GLU A 210 -6.80 -1.83 -17.67
N MET A 211 -6.57 -0.95 -16.66
CA MET A 211 -6.21 0.46 -16.83
C MET A 211 -4.92 0.61 -17.64
N LEU A 212 -3.90 -0.23 -17.33
CA LEU A 212 -2.61 -0.24 -18.04
C LEU A 212 -2.76 -0.72 -19.48
N MET A 213 -3.70 -1.67 -19.72
CA MET A 213 -3.98 -2.25 -21.04
C MET A 213 -4.63 -1.23 -22.00
N SER A 214 -5.23 -0.15 -21.46
CA SER A 214 -5.86 0.92 -22.23
C SER A 214 -4.84 1.79 -22.99
N TRP A 215 -3.57 1.79 -22.54
CA TRP A 215 -2.50 2.57 -23.18
C TRP A 215 -1.39 1.67 -23.74
N HIS A 220 1.76 8.46 -23.39
CA HIS A 220 2.43 8.51 -22.09
C HIS A 220 2.86 7.13 -21.60
N LYS A 221 4.14 7.02 -21.22
CA LYS A 221 4.72 5.77 -20.74
C LYS A 221 4.84 5.70 -19.20
N PHE A 222 5.65 4.77 -18.70
CA PHE A 222 5.89 4.34 -17.32
CA PHE A 222 5.79 4.62 -17.26
C PHE A 222 7.27 4.75 -16.80
N THR A 223 7.51 4.53 -15.47
CA THR A 223 8.84 4.65 -14.86
C THR A 223 9.42 3.22 -14.67
N PRO A 224 10.76 3.05 -14.48
CA PRO A 224 11.32 1.69 -14.35
C PRO A 224 10.76 0.85 -13.21
N LEU A 225 10.32 1.48 -12.11
CA LEU A 225 9.71 0.74 -11.00
C LEU A 225 8.26 0.39 -11.31
N LEU A 226 7.60 1.18 -12.18
CA LEU A 226 6.20 1.01 -12.52
C LEU A 226 5.94 -0.22 -13.41
N CYS A 227 6.05 -0.15 -14.77
CA CYS A 227 5.75 -1.32 -15.63
C CYS A 227 6.61 -2.59 -15.35
N GLU A 228 7.65 -2.51 -14.49
CA GLU A 228 8.45 -3.68 -14.10
C GLU A 228 7.84 -4.39 -12.91
N ILE A 229 7.32 -3.63 -11.90
CA ILE A 229 6.66 -4.24 -10.74
C ILE A 229 5.20 -4.52 -11.10
N TRP A 230 4.68 -3.79 -12.09
CA TRP A 230 3.30 -3.90 -12.59
C TRP A 230 3.10 -4.91 -13.73
N ASP A 231 4.21 -5.39 -14.34
CA ASP A 231 4.23 -6.33 -15.47
C ASP A 231 3.54 -5.79 -16.72
N ASP B 2 15.83 -9.44 -15.54
CA ASP B 2 14.51 -8.98 -15.11
C ASP B 2 14.49 -8.52 -13.64
N HIS B 3 13.53 -7.60 -13.31
CA HIS B 3 13.31 -6.97 -12.00
C HIS B 3 14.57 -6.30 -11.44
N GLN B 4 15.45 -5.78 -12.33
CA GLN B 4 16.73 -5.17 -11.98
C GLN B 4 16.62 -4.03 -10.96
N LEU B 5 15.57 -3.17 -11.07
CA LEU B 5 15.41 -2.07 -10.11
C LEU B 5 14.91 -2.56 -8.76
N LEU B 6 13.88 -3.45 -8.74
CA LEU B 6 13.36 -4.02 -7.49
C LEU B 6 14.45 -4.76 -6.73
N ARG B 7 15.30 -5.54 -7.45
CA ARG B 7 16.42 -6.29 -6.90
C ARG B 7 17.47 -5.36 -6.30
N TYR B 8 17.81 -4.26 -7.02
CA TYR B 8 18.77 -3.26 -6.57
C TYR B 8 18.32 -2.65 -5.25
N LEU B 9 17.04 -2.20 -5.18
CA LEU B 9 16.49 -1.56 -3.99
C LEU B 9 16.42 -2.51 -2.80
N LEU B 10 16.08 -3.77 -3.08
CA LEU B 10 15.96 -4.80 -2.04
C LEU B 10 17.30 -5.13 -1.39
N ASP B 11 18.34 -5.28 -2.21
CA ASP B 11 19.65 -5.71 -1.74
C ASP B 11 20.55 -4.60 -1.18
N LYS B 12 20.26 -3.30 -1.46
CA LYS B 12 21.09 -2.20 -0.93
C LYS B 12 21.01 -2.10 0.60
N ASP B 13 22.17 -2.25 1.28
CA ASP B 13 22.33 -2.25 2.75
C ASP B 13 21.57 -3.40 3.43
#